data_2O02
#
_entry.id   2O02
#
_cell.length_a   71.330
_cell.length_b   72.238
_cell.length_c   125.664
_cell.angle_alpha   90.000
_cell.angle_beta   90.000
_cell.angle_gamma   90.000
#
_symmetry.space_group_name_H-M   'P 21 21 21'
#
loop_
_entity.id
_entity.type
_entity.pdbx_description
1 polymer '14-3-3 protein zeta/delta'
2 polymer 'ExoS (416-430) peptide'
3 non-polymer 'BENZOIC ACID'
4 water water
#
loop_
_entity_poly.entity_id
_entity_poly.type
_entity_poly.pdbx_seq_one_letter_code
_entity_poly.pdbx_strand_id
1 'polypeptide(L)'
;MDKNELVQKAKLAEQAERYDDMAACMKSVTEQGAELSNEERNLLSVAYKNVVGARRSSWRVVSSIEQKTEGAEKKQQMAR
EYREKIETELRDICNDVLSLLEKFLIPNASQAESKVFYLKMKGDYYRYLAEVAAGDDKKGIVDQSQQAYQEAFEISKKEM
QPTHPIRLGLALNFSVFYYEILNSPEKACSLAKTAFDEAIAELDTLSEESYKDSTLIMQLLRDNLTLWTS
;
A,B
2 'polypeptide(L)' GHGQGLLDALDLAS P,Q
#
# COMPACT_ATOMS: atom_id res chain seq x y z
N MET A 1 1.90 -24.62 -15.47
CA MET A 1 1.81 -24.51 -13.97
CA MET A 1 1.82 -24.57 -14.00
C MET A 1 0.39 -24.88 -13.63
N ASP A 2 0.18 -25.45 -12.45
CA ASP A 2 -1.19 -25.85 -12.19
CA ASP A 2 -1.18 -25.89 -12.00
C ASP A 2 -1.98 -24.62 -11.70
N LYS A 3 -3.19 -24.48 -12.27
CA LYS A 3 -4.07 -23.33 -12.01
C LYS A 3 -4.33 -23.24 -10.55
N ASN A 4 -4.67 -24.33 -9.89
CA ASN A 4 -4.98 -24.24 -8.44
C ASN A 4 -3.83 -23.70 -7.57
N GLU A 5 -2.55 -24.02 -7.89
CA GLU A 5 -1.41 -23.45 -7.16
CA GLU A 5 -1.42 -23.45 -7.19
C GLU A 5 -1.32 -21.90 -7.41
N LEU A 6 -1.54 -21.44 -8.62
CA LEU A 6 -1.50 -19.96 -8.87
C LEU A 6 -2.66 -19.24 -8.10
N VAL A 7 -3.85 -19.84 -8.01
CA VAL A 7 -4.96 -19.20 -7.29
C VAL A 7 -4.62 -19.17 -5.82
N GLN A 8 -4.10 -20.27 -5.23
CA GLN A 8 -3.64 -20.19 -3.84
C GLN A 8 -2.59 -19.09 -3.59
N LYS A 9 -1.64 -18.94 -4.50
CA LYS A 9 -0.64 -17.88 -4.28
CA LYS A 9 -0.65 -17.90 -4.43
C LYS A 9 -1.30 -16.51 -4.45
N ALA A 10 -2.32 -16.35 -5.31
CA ALA A 10 -3.06 -15.03 -5.49
C ALA A 10 -3.73 -14.72 -4.16
N LYS A 11 -4.26 -15.74 -3.45
CA LYS A 11 -5.00 -15.47 -2.17
C LYS A 11 -3.93 -15.07 -1.12
N LEU A 12 -2.71 -15.64 -1.09
CA LEU A 12 -1.75 -15.23 -0.11
CA LEU A 12 -1.65 -15.17 -0.14
C LEU A 12 -1.21 -13.80 -0.49
N ALA A 13 -1.05 -13.52 -1.76
CA ALA A 13 -0.57 -12.23 -2.14
C ALA A 13 -1.66 -11.18 -1.70
N GLU A 14 -2.91 -11.49 -1.87
CA GLU A 14 -3.92 -10.51 -1.42
C GLU A 14 -3.81 -10.23 0.07
N GLN A 15 -3.63 -11.29 0.91
CA GLN A 15 -3.48 -11.12 2.36
CA GLN A 15 -3.53 -11.04 2.34
C GLN A 15 -2.28 -10.25 2.69
N ALA A 16 -1.21 -10.43 1.88
CA ALA A 16 0.00 -9.64 2.06
C ALA A 16 -0.05 -8.18 1.48
N GLU A 17 -1.16 -7.88 0.83
CA GLU A 17 -1.37 -6.64 0.16
C GLU A 17 -0.34 -6.42 -0.95
N ARG A 18 -0.06 -7.51 -1.65
CA ARG A 18 0.95 -7.44 -2.76
C ARG A 18 0.18 -7.66 -4.03
N TYR A 19 -0.48 -6.56 -4.51
CA TYR A 19 -1.47 -6.74 -5.59
C TYR A 19 -0.87 -6.92 -6.96
N ASP A 20 0.40 -6.49 -7.17
CA ASP A 20 1.03 -6.72 -8.52
C ASP A 20 1.32 -8.27 -8.58
N ASP A 21 1.75 -8.92 -7.46
CA ASP A 21 1.93 -10.37 -7.48
C ASP A 21 0.59 -11.04 -7.67
N MET A 22 -0.46 -10.56 -7.01
CA MET A 22 -1.79 -11.13 -7.17
C MET A 22 -2.31 -11.09 -8.58
N ALA A 23 -2.12 -9.94 -9.21
CA ALA A 23 -2.53 -9.74 -10.60
C ALA A 23 -1.78 -10.69 -11.51
N ALA A 24 -0.46 -10.83 -11.34
CA ALA A 24 0.43 -11.70 -12.22
C ALA A 24 -0.12 -13.12 -12.08
N CYS A 25 -0.45 -13.58 -10.86
CA CYS A 25 -0.97 -14.95 -10.68
C CYS A 25 -2.25 -15.09 -11.47
N MET A 26 -3.22 -14.16 -11.26
CA MET A 26 -4.57 -14.31 -11.89
C MET A 26 -4.51 -14.12 -13.36
N LYS A 27 -3.66 -13.22 -13.88
CA LYS A 27 -3.50 -13.13 -15.34
C LYS A 27 -2.98 -14.49 -15.90
N SER A 28 -2.00 -15.13 -15.23
CA SER A 28 -1.46 -16.44 -15.69
CA SER A 28 -1.48 -16.44 -15.65
C SER A 28 -2.59 -17.49 -15.69
N VAL A 29 -3.47 -17.48 -14.68
CA VAL A 29 -4.61 -18.39 -14.65
C VAL A 29 -5.54 -18.12 -15.84
N THR A 30 -5.90 -16.85 -16.04
CA THR A 30 -6.82 -16.46 -17.14
C THR A 30 -6.27 -16.92 -18.48
N GLU A 31 -4.95 -16.79 -18.69
CA GLU A 31 -4.29 -17.07 -19.98
C GLU A 31 -4.30 -18.57 -20.28
N GLN A 32 -4.49 -19.40 -19.29
CA GLN A 32 -4.71 -20.88 -19.56
C GLN A 32 -5.93 -21.13 -20.41
N GLY A 33 -6.90 -20.21 -20.44
CA GLY A 33 -7.92 -20.26 -21.46
C GLY A 33 -9.17 -20.97 -20.98
N ALA A 34 -9.23 -21.47 -19.74
CA ALA A 34 -10.47 -22.13 -19.24
C ALA A 34 -11.34 -21.10 -18.47
N GLU A 35 -12.67 -21.24 -18.58
CA GLU A 35 -13.56 -20.27 -17.97
C GLU A 35 -13.22 -20.14 -16.46
N LEU A 36 -13.06 -18.94 -15.89
CA LEU A 36 -12.78 -18.79 -14.51
C LEU A 36 -14.02 -19.20 -13.62
N SER A 37 -13.76 -19.74 -12.41
CA SER A 37 -14.82 -19.93 -11.43
C SER A 37 -15.18 -18.58 -10.86
N ASN A 38 -16.25 -18.46 -10.12
CA ASN A 38 -16.58 -17.15 -9.51
CA ASN A 38 -16.54 -17.11 -9.64
C ASN A 38 -15.50 -16.67 -8.60
N GLU A 39 -14.94 -17.61 -7.84
CA GLU A 39 -13.88 -17.20 -6.87
C GLU A 39 -12.72 -16.67 -7.68
N GLU A 40 -12.27 -17.32 -8.79
CA GLU A 40 -11.11 -16.83 -9.61
C GLU A 40 -11.44 -15.53 -10.22
N ARG A 41 -12.64 -15.42 -10.71
CA ARG A 41 -13.14 -14.14 -11.36
C ARG A 41 -12.95 -12.98 -10.29
N ASN A 42 -13.43 -13.18 -9.05
CA ASN A 42 -13.41 -12.13 -7.99
C ASN A 42 -11.94 -11.84 -7.69
N LEU A 43 -11.03 -12.82 -7.62
CA LEU A 43 -9.60 -12.56 -7.31
C LEU A 43 -8.95 -11.73 -8.42
N LEU A 44 -9.18 -12.04 -9.71
CA LEU A 44 -8.57 -11.35 -10.85
C LEU A 44 -9.06 -9.86 -10.73
N SER A 45 -10.35 -9.65 -10.45
CA SER A 45 -10.91 -8.32 -10.35
C SER A 45 -10.30 -7.52 -9.19
N VAL A 46 -10.24 -8.13 -7.99
CA VAL A 46 -9.65 -7.39 -6.83
C VAL A 46 -8.18 -7.01 -7.11
N ALA A 47 -7.43 -7.91 -7.76
CA ALA A 47 -6.01 -7.66 -8.00
C ALA A 47 -5.92 -6.42 -8.89
N TYR A 48 -6.62 -6.44 -10.02
CA TYR A 48 -6.50 -5.34 -10.97
C TYR A 48 -7.12 -4.05 -10.45
N LYS A 49 -8.23 -4.13 -9.70
CA LYS A 49 -8.83 -2.96 -9.09
CA LYS A 49 -8.80 -2.89 -9.19
C LYS A 49 -7.82 -2.19 -8.25
N ASN A 50 -7.00 -2.96 -7.52
CA ASN A 50 -6.02 -2.33 -6.66
C ASN A 50 -4.82 -1.85 -7.44
N VAL A 51 -4.33 -2.58 -8.46
CA VAL A 51 -3.24 -2.11 -9.38
C VAL A 51 -3.60 -0.80 -10.03
N VAL A 52 -4.77 -0.76 -10.70
CA VAL A 52 -5.14 0.46 -11.40
C VAL A 52 -5.52 1.52 -10.40
N GLY A 53 -6.17 1.10 -9.30
CA GLY A 53 -6.57 2.14 -8.37
C GLY A 53 -5.46 2.97 -7.75
N ALA A 54 -4.34 2.34 -7.52
CA ALA A 54 -3.19 3.11 -7.06
C ALA A 54 -2.76 4.20 -8.05
N ARG A 55 -2.78 3.87 -9.33
CA ARG A 55 -2.42 4.88 -10.29
C ARG A 55 -3.49 5.99 -10.46
N ARG A 56 -4.79 5.60 -10.36
CA ARG A 56 -5.87 6.63 -10.42
C ARG A 56 -5.65 7.60 -9.24
N SER A 57 -5.37 7.07 -8.06
CA SER A 57 -5.25 7.94 -6.89
CA SER A 57 -5.21 7.95 -6.91
C SER A 57 -4.00 8.85 -7.06
N SER A 58 -2.89 8.31 -7.47
CA SER A 58 -1.70 9.19 -7.74
C SER A 58 -1.90 10.21 -8.82
N TRP A 59 -2.62 9.84 -9.90
CA TRP A 59 -2.95 10.75 -10.99
C TRP A 59 -3.77 11.92 -10.42
N ARG A 60 -4.77 11.64 -9.54
CA ARG A 60 -5.60 12.73 -9.08
CA ARG A 60 -5.56 12.76 -9.12
C ARG A 60 -4.73 13.69 -8.24
N VAL A 61 -3.90 13.14 -7.37
CA VAL A 61 -2.99 13.95 -6.58
C VAL A 61 -2.05 14.78 -7.44
N VAL A 62 -1.32 14.20 -8.40
CA VAL A 62 -0.39 14.96 -9.18
C VAL A 62 -1.10 15.97 -10.08
N SER A 63 -2.28 15.69 -10.60
CA SER A 63 -3.08 16.68 -11.34
CA SER A 63 -3.07 16.66 -11.38
C SER A 63 -3.42 17.84 -10.48
N SER A 64 -3.88 17.63 -9.24
CA SER A 64 -4.22 18.72 -8.34
CA SER A 64 -4.21 18.73 -8.37
C SER A 64 -3.01 19.63 -8.10
N ILE A 65 -1.83 19.04 -7.95
CA ILE A 65 -0.64 19.84 -7.63
C ILE A 65 -0.34 20.66 -8.86
N GLU A 66 -0.30 20.03 -10.02
CA GLU A 66 0.07 20.64 -11.31
C GLU A 66 -0.80 21.84 -11.59
N GLN A 67 -2.03 21.77 -11.15
CA GLN A 67 -2.91 22.87 -11.44
CA GLN A 67 -2.99 22.84 -11.40
C GLN A 67 -2.70 24.02 -10.48
N LYS A 68 -2.67 23.77 -9.17
CA LYS A 68 -2.25 24.76 -8.16
C LYS A 68 -1.01 25.67 -8.50
N LYS A 75 8.27 24.27 -12.80
CA LYS A 75 7.82 23.39 -11.67
C LYS A 75 6.56 22.63 -12.05
N GLN A 76 5.64 23.41 -12.62
CA GLN A 76 4.49 22.89 -13.37
C GLN A 76 4.87 21.83 -14.39
N GLN A 77 5.98 22.04 -15.12
CA GLN A 77 6.44 21.09 -16.12
C GLN A 77 6.83 19.76 -15.48
N MET A 78 7.41 19.82 -14.30
CA MET A 78 7.86 18.56 -13.73
C MET A 78 6.65 17.75 -13.37
N ALA A 79 5.65 18.41 -12.83
CA ALA A 79 4.44 17.74 -12.47
C ALA A 79 3.71 17.20 -13.65
N ARG A 80 3.74 17.93 -14.81
CA ARG A 80 3.12 17.46 -16.04
C ARG A 80 3.79 16.18 -16.50
N GLU A 81 5.09 16.14 -16.53
CA GLU A 81 5.70 14.96 -16.99
C GLU A 81 5.49 13.74 -16.05
N TYR A 82 5.42 14.00 -14.77
CA TYR A 82 5.15 12.93 -13.76
C TYR A 82 3.74 12.43 -13.97
N ARG A 83 2.78 13.33 -14.14
CA ARG A 83 1.44 12.96 -14.47
C ARG A 83 1.46 12.12 -15.73
N GLU A 84 2.14 12.53 -16.81
CA GLU A 84 2.16 11.73 -18.02
C GLU A 84 2.72 10.30 -17.79
N LYS A 85 3.75 10.21 -16.98
CA LYS A 85 4.32 8.89 -16.63
C LYS A 85 3.29 7.96 -15.89
N ILE A 86 2.58 8.53 -14.95
CA ILE A 86 1.55 7.77 -14.21
C ILE A 86 0.48 7.40 -15.24
N GLU A 87 0.10 8.36 -16.11
CA GLU A 87 -0.96 8.09 -17.15
C GLU A 87 -0.54 6.88 -18.01
N THR A 88 0.72 6.84 -18.43
CA THR A 88 1.21 5.73 -19.27
C THR A 88 1.05 4.38 -18.48
N GLU A 89 1.46 4.32 -17.23
CA GLU A 89 1.27 3.11 -16.51
C GLU A 89 -0.24 2.74 -16.44
N LEU A 90 -1.11 3.68 -16.14
CA LEU A 90 -2.52 3.45 -15.97
C LEU A 90 -3.05 2.92 -17.31
N ARG A 91 -2.71 3.59 -18.46
CA ARG A 91 -3.27 3.09 -19.74
C ARG A 91 -2.79 1.67 -20.00
N ASP A 92 -1.52 1.34 -19.64
CA ASP A 92 -1.00 -0.04 -19.90
C ASP A 92 -1.78 -1.06 -19.09
N ILE A 93 -2.09 -0.70 -17.80
CA ILE A 93 -2.85 -1.63 -16.94
C ILE A 93 -4.28 -1.82 -17.46
N CYS A 94 -4.93 -0.73 -17.80
CA CYS A 94 -6.24 -0.87 -18.48
C CYS A 94 -6.25 -1.68 -19.71
N ASN A 95 -5.29 -1.42 -20.58
CA ASN A 95 -5.22 -2.25 -21.82
C ASN A 95 -4.97 -3.70 -21.56
N ASP A 96 -4.20 -4.04 -20.52
CA ASP A 96 -3.94 -5.43 -20.06
CA ASP A 96 -3.99 -5.46 -20.22
C ASP A 96 -5.30 -6.07 -19.76
N VAL A 97 -6.08 -5.40 -18.92
CA VAL A 97 -7.36 -5.99 -18.46
C VAL A 97 -8.30 -6.10 -19.63
N LEU A 98 -8.34 -5.08 -20.45
CA LEU A 98 -9.25 -5.04 -21.59
C LEU A 98 -8.90 -6.16 -22.56
N SER A 99 -7.63 -6.46 -22.74
CA SER A 99 -7.25 -7.59 -23.58
CA SER A 99 -7.27 -7.62 -23.57
C SER A 99 -7.72 -8.94 -22.97
N LEU A 100 -7.58 -9.12 -21.66
CA LEU A 100 -8.02 -10.36 -21.08
C LEU A 100 -9.50 -10.48 -21.30
N LEU A 101 -10.17 -9.37 -21.07
CA LEU A 101 -11.61 -9.35 -21.24
C LEU A 101 -12.02 -9.82 -22.65
N GLU A 102 -11.36 -9.24 -23.68
CA GLU A 102 -11.67 -9.57 -25.03
CA GLU A 102 -11.61 -9.50 -25.08
C GLU A 102 -11.26 -10.93 -25.48
N LYS A 103 -10.11 -11.41 -25.07
CA LYS A 103 -9.59 -12.69 -25.57
C LYS A 103 -10.10 -13.89 -24.78
N PHE A 104 -10.38 -13.72 -23.46
CA PHE A 104 -10.70 -14.90 -22.62
C PHE A 104 -11.98 -14.75 -21.90
N LEU A 105 -12.12 -13.68 -21.15
CA LEU A 105 -13.15 -13.64 -20.17
C LEU A 105 -14.57 -13.49 -20.72
N ILE A 106 -14.78 -12.47 -21.55
CA ILE A 106 -16.13 -12.34 -22.23
C ILE A 106 -16.52 -13.50 -23.17
N PRO A 107 -15.61 -13.93 -24.05
CA PRO A 107 -16.06 -15.09 -24.92
C PRO A 107 -16.23 -16.45 -24.16
N ASN A 108 -15.64 -16.66 -22.99
CA ASN A 108 -15.74 -17.91 -22.27
C ASN A 108 -16.94 -17.82 -21.35
N ALA A 109 -17.56 -16.64 -21.21
CA ALA A 109 -18.55 -16.50 -20.12
C ALA A 109 -19.80 -17.26 -20.51
N SER A 110 -20.10 -18.30 -19.76
CA SER A 110 -21.20 -19.15 -20.18
C SER A 110 -22.46 -18.93 -19.34
N GLN A 111 -22.47 -18.02 -18.37
CA GLN A 111 -23.57 -17.79 -17.50
C GLN A 111 -23.83 -16.28 -17.57
N ALA A 112 -25.10 -15.92 -17.39
CA ALA A 112 -25.49 -14.51 -17.49
C ALA A 112 -24.77 -13.68 -16.44
N GLU A 113 -24.73 -14.15 -15.19
CA GLU A 113 -24.11 -13.37 -14.06
C GLU A 113 -22.65 -13.01 -14.39
N SER A 114 -21.92 -13.93 -15.02
CA SER A 114 -20.52 -13.68 -15.33
CA SER A 114 -20.52 -13.58 -15.28
C SER A 114 -20.46 -12.75 -16.55
N LYS A 115 -21.37 -12.91 -17.51
CA LYS A 115 -21.37 -11.97 -18.67
CA LYS A 115 -21.41 -11.96 -18.63
C LYS A 115 -21.62 -10.51 -18.17
N VAL A 116 -22.57 -10.32 -17.22
CA VAL A 116 -22.82 -8.97 -16.69
C VAL A 116 -21.59 -8.43 -15.90
N PHE A 117 -20.93 -9.31 -15.11
CA PHE A 117 -19.79 -8.96 -14.31
C PHE A 117 -18.72 -8.46 -15.31
N TYR A 118 -18.42 -9.22 -16.35
CA TYR A 118 -17.34 -8.86 -17.21
C TYR A 118 -17.58 -7.67 -18.07
N LEU A 119 -18.81 -7.58 -18.57
CA LEU A 119 -19.21 -6.40 -19.34
C LEU A 119 -19.19 -5.15 -18.50
N LYS A 120 -19.60 -5.24 -17.25
CA LYS A 120 -19.43 -4.13 -16.25
C LYS A 120 -17.93 -3.80 -16.13
N MET A 121 -17.02 -4.76 -16.01
CA MET A 121 -15.56 -4.54 -15.87
C MET A 121 -15.09 -3.82 -17.11
N LYS A 122 -15.53 -4.24 -18.30
CA LYS A 122 -15.08 -3.58 -19.51
C LYS A 122 -15.57 -2.12 -19.46
N GLY A 123 -16.81 -1.79 -19.02
CA GLY A 123 -17.30 -0.45 -18.88
C GLY A 123 -16.35 0.31 -17.87
N ASP A 124 -15.98 -0.30 -16.75
CA ASP A 124 -15.12 0.42 -15.77
C ASP A 124 -13.75 0.71 -16.34
N TYR A 125 -13.13 -0.22 -17.05
CA TYR A 125 -11.78 0.03 -17.51
C TYR A 125 -11.72 1.01 -18.63
N TYR A 126 -12.76 1.00 -19.47
CA TYR A 126 -12.86 2.13 -20.50
C TYR A 126 -13.09 3.46 -19.77
N ARG A 127 -13.89 3.41 -18.67
CA ARG A 127 -14.12 4.65 -17.90
C ARG A 127 -12.78 5.16 -17.32
N TYR A 128 -11.93 4.30 -16.84
CA TYR A 128 -10.65 4.79 -16.38
C TYR A 128 -9.80 5.34 -17.48
N LEU A 129 -9.82 4.74 -18.64
CA LEU A 129 -9.09 5.30 -19.80
C LEU A 129 -9.67 6.66 -20.21
N ALA A 130 -11.00 6.81 -20.09
CA ALA A 130 -11.64 8.07 -20.48
C ALA A 130 -11.17 9.19 -19.58
N GLU A 131 -10.95 8.89 -18.28
CA GLU A 131 -10.57 9.94 -17.34
C GLU A 131 -9.21 10.56 -17.72
N VAL A 132 -8.40 9.82 -18.44
CA VAL A 132 -7.08 10.35 -18.82
C VAL A 132 -6.87 10.53 -20.34
N ALA A 133 -7.97 10.45 -21.11
CA ALA A 133 -7.90 10.35 -22.62
C ALA A 133 -7.43 11.68 -23.28
N ALA A 134 -6.59 11.56 -24.36
CA ALA A 134 -6.32 12.73 -25.29
C ALA A 134 -7.66 13.24 -25.81
N GLY A 135 -7.84 14.55 -25.89
CA GLY A 135 -9.12 15.08 -26.38
C GLY A 135 -9.53 14.36 -27.64
N ASP A 136 -8.53 14.00 -28.45
CA ASP A 136 -8.89 13.39 -29.71
C ASP A 136 -9.43 11.95 -29.63
N ASP A 137 -9.00 11.20 -28.60
CA ASP A 137 -9.37 9.79 -28.48
C ASP A 137 -10.52 9.61 -27.54
N LYS A 138 -10.77 10.65 -26.78
CA LYS A 138 -11.81 10.58 -25.77
C LYS A 138 -13.20 10.12 -26.23
N LYS A 139 -13.70 10.59 -27.38
CA LYS A 139 -15.08 10.18 -27.71
C LYS A 139 -15.18 8.69 -27.87
N GLY A 140 -14.27 8.10 -28.64
CA GLY A 140 -14.31 6.70 -28.96
C GLY A 140 -14.33 5.89 -27.66
N ILE A 141 -13.48 6.31 -26.69
CA ILE A 141 -13.27 5.58 -25.39
C ILE A 141 -14.52 5.70 -24.54
N VAL A 142 -15.06 6.88 -24.48
CA VAL A 142 -16.38 7.07 -23.82
C VAL A 142 -17.46 6.19 -24.44
N ASP A 143 -17.52 6.14 -25.77
CA ASP A 143 -18.47 5.23 -26.43
C ASP A 143 -18.29 3.77 -26.08
N GLN A 144 -17.04 3.34 -26.04
CA GLN A 144 -16.83 1.96 -25.68
CA GLN A 144 -16.74 1.97 -25.65
C GLN A 144 -17.24 1.68 -24.24
N SER A 145 -16.98 2.59 -23.31
CA SER A 145 -17.45 2.34 -21.90
C SER A 145 -18.95 2.28 -21.85
N GLN A 146 -19.60 3.23 -22.48
CA GLN A 146 -21.10 3.24 -22.41
C GLN A 146 -21.68 2.01 -23.05
N GLN A 147 -21.18 1.56 -24.22
CA GLN A 147 -21.81 0.36 -24.82
CA GLN A 147 -21.69 0.35 -24.88
C GLN A 147 -21.55 -0.87 -23.99
N ALA A 148 -20.40 -0.94 -23.28
CA ALA A 148 -20.16 -2.14 -22.44
C ALA A 148 -21.20 -2.12 -21.30
N TYR A 149 -21.29 -0.97 -20.65
CA TYR A 149 -22.27 -0.89 -19.54
C TYR A 149 -23.71 -1.08 -19.96
N GLN A 150 -24.06 -0.58 -21.14
CA GLN A 150 -25.45 -0.72 -21.68
C GLN A 150 -25.74 -2.16 -21.94
N GLU A 151 -24.79 -2.88 -22.54
CA GLU A 151 -25.02 -4.31 -22.78
C GLU A 151 -25.14 -5.10 -21.47
N ALA A 152 -24.23 -4.76 -20.50
CA ALA A 152 -24.33 -5.46 -19.15
C ALA A 152 -25.75 -5.12 -18.53
N PHE A 153 -26.17 -3.88 -18.58
CA PHE A 153 -27.43 -3.42 -18.03
C PHE A 153 -28.63 -4.17 -18.59
N GLU A 154 -28.71 -4.35 -19.89
CA GLU A 154 -29.85 -5.01 -20.45
CA GLU A 154 -29.80 -5.05 -20.53
C GLU A 154 -29.84 -6.46 -20.03
N ILE A 155 -28.67 -7.10 -20.00
CA ILE A 155 -28.71 -8.51 -19.58
C ILE A 155 -29.13 -8.60 -18.10
N SER A 156 -28.58 -7.73 -17.23
CA SER A 156 -28.89 -7.80 -15.77
C SER A 156 -30.35 -7.58 -15.56
N LYS A 157 -30.96 -6.71 -16.35
CA LYS A 157 -32.36 -6.45 -16.15
CA LYS A 157 -32.36 -6.46 -16.07
C LYS A 157 -33.20 -7.65 -16.51
N LYS A 158 -32.75 -8.41 -17.50
CA LYS A 158 -33.45 -9.61 -18.04
CA LYS A 158 -33.56 -9.54 -17.96
C LYS A 158 -33.30 -10.77 -17.07
N GLU A 159 -32.09 -10.94 -16.48
CA GLU A 159 -31.70 -12.23 -15.82
C GLU A 159 -31.59 -12.21 -14.33
N MET A 160 -31.44 -10.99 -13.78
CA MET A 160 -31.16 -10.93 -12.37
C MET A 160 -32.22 -10.24 -11.56
N GLN A 161 -32.38 -10.59 -10.24
CA GLN A 161 -33.31 -9.85 -9.39
CA GLN A 161 -33.32 -9.86 -9.36
C GLN A 161 -32.75 -8.47 -9.08
N PRO A 162 -33.64 -7.48 -8.91
CA PRO A 162 -33.23 -6.13 -8.62
C PRO A 162 -32.34 -6.00 -7.33
N THR A 163 -32.31 -7.01 -6.44
CA THR A 163 -31.52 -6.99 -5.22
C THR A 163 -30.18 -7.72 -5.49
N HIS A 164 -29.91 -8.25 -6.70
CA HIS A 164 -28.70 -8.99 -6.90
CA HIS A 164 -28.71 -8.96 -7.01
C HIS A 164 -27.50 -7.98 -6.81
N PRO A 165 -26.51 -8.32 -5.99
CA PRO A 165 -25.39 -7.34 -5.86
C PRO A 165 -24.66 -6.95 -7.16
N ILE A 166 -24.55 -7.91 -8.13
CA ILE A 166 -23.88 -7.54 -9.42
C ILE A 166 -24.72 -6.54 -10.18
N ARG A 167 -26.05 -6.76 -10.09
CA ARG A 167 -27.00 -5.87 -10.78
C ARG A 167 -26.95 -4.45 -10.13
N LEU A 168 -26.94 -4.43 -8.79
CA LEU A 168 -26.83 -3.18 -8.06
C LEU A 168 -25.48 -2.45 -8.26
N GLY A 169 -24.40 -3.23 -8.26
CA GLY A 169 -23.04 -2.64 -8.54
C GLY A 169 -22.90 -2.10 -9.93
N LEU A 170 -23.50 -2.74 -10.91
CA LEU A 170 -23.55 -2.22 -12.26
C LEU A 170 -24.29 -0.89 -12.18
N ALA A 171 -25.49 -0.85 -11.56
CA ALA A 171 -26.14 0.44 -11.54
C ALA A 171 -25.33 1.57 -10.93
N LEU A 172 -24.63 1.25 -9.87
CA LEU A 172 -23.85 2.21 -9.11
C LEU A 172 -22.78 2.75 -10.10
N ASN A 173 -22.01 1.87 -10.72
CA ASN A 173 -20.91 2.31 -11.58
C ASN A 173 -21.37 2.97 -12.88
N PHE A 174 -22.45 2.48 -13.45
CA PHE A 174 -22.92 3.09 -14.70
C PHE A 174 -23.52 4.46 -14.38
N SER A 175 -24.14 4.63 -13.21
CA SER A 175 -24.67 5.95 -12.80
CA SER A 175 -24.64 5.95 -12.83
C SER A 175 -23.50 6.93 -12.61
N VAL A 176 -22.39 6.46 -12.02
CA VAL A 176 -21.22 7.32 -11.87
C VAL A 176 -20.56 7.64 -13.27
N PHE A 177 -20.59 6.70 -14.22
CA PHE A 177 -20.19 6.97 -15.57
C PHE A 177 -21.03 8.13 -16.11
N TYR A 178 -22.35 8.10 -15.94
CA TYR A 178 -23.20 9.18 -16.48
C TYR A 178 -22.80 10.52 -15.85
N TYR A 179 -22.72 10.50 -14.49
CA TYR A 179 -22.42 11.73 -13.81
C TYR A 179 -21.04 12.29 -14.08
N GLU A 180 -19.96 11.50 -14.01
CA GLU A 180 -18.61 12.04 -14.10
C GLU A 180 -18.02 12.09 -15.45
N ILE A 181 -18.39 11.13 -16.28
CA ILE A 181 -17.76 11.04 -17.61
C ILE A 181 -18.69 11.69 -18.68
N LEU A 182 -20.00 11.41 -18.71
CA LEU A 182 -20.86 12.03 -19.75
CA LEU A 182 -20.87 12.03 -19.74
C LEU A 182 -21.44 13.37 -19.28
N ASN A 183 -21.19 13.72 -18.02
CA ASN A 183 -21.71 15.00 -17.43
C ASN A 183 -23.23 15.10 -17.56
N SER A 184 -23.88 13.98 -17.27
CA SER A 184 -25.31 13.80 -17.47
CA SER A 184 -25.31 13.83 -17.45
C SER A 184 -25.93 13.49 -16.11
N PRO A 185 -26.08 14.53 -15.29
CA PRO A 185 -26.51 14.20 -13.92
C PRO A 185 -27.97 13.71 -13.76
N GLU A 186 -28.90 14.13 -14.66
CA GLU A 186 -30.29 13.61 -14.54
C GLU A 186 -30.35 12.17 -14.90
N LYS A 187 -29.61 11.74 -15.93
CA LYS A 187 -29.57 10.31 -16.21
CA LYS A 187 -29.51 10.32 -16.25
C LYS A 187 -28.90 9.56 -15.08
N ALA A 188 -27.87 10.13 -14.51
CA ALA A 188 -27.17 9.48 -13.36
C ALA A 188 -28.11 9.26 -12.15
N CYS A 189 -28.87 10.32 -11.83
CA CYS A 189 -29.77 10.25 -10.69
C CYS A 189 -30.91 9.31 -10.99
N SER A 190 -31.46 9.33 -12.21
CA SER A 190 -32.53 8.49 -12.47
C SER A 190 -32.14 7.02 -12.42
N LEU A 191 -30.98 6.70 -13.01
CA LEU A 191 -30.52 5.31 -12.93
C LEU A 191 -30.31 4.91 -11.49
N ALA A 192 -29.62 5.72 -10.67
CA ALA A 192 -29.38 5.32 -9.27
C ALA A 192 -30.70 5.21 -8.48
N LYS A 193 -31.64 6.15 -8.68
CA LYS A 193 -32.91 6.09 -7.93
C LYS A 193 -33.79 4.84 -8.32
N THR A 194 -33.88 4.59 -9.65
CA THR A 194 -34.58 3.40 -10.04
C THR A 194 -33.99 2.15 -9.44
N ALA A 195 -32.63 2.07 -9.44
CA ALA A 195 -32.02 0.82 -8.93
C ALA A 195 -32.35 0.68 -7.44
N PHE A 196 -32.25 1.76 -6.71
CA PHE A 196 -32.53 1.73 -5.28
C PHE A 196 -34.03 1.34 -5.01
N ASP A 197 -34.91 2.01 -5.69
CA ASP A 197 -36.37 1.79 -5.56
C ASP A 197 -36.83 0.38 -5.94
N GLU A 198 -36.21 -0.17 -7.03
CA GLU A 198 -36.62 -1.51 -7.53
C GLU A 198 -36.16 -2.60 -6.57
N ALA A 199 -35.03 -2.31 -5.88
CA ALA A 199 -34.52 -3.25 -4.85
C ALA A 199 -35.37 -3.18 -3.55
N ILE A 200 -35.66 -1.97 -3.06
CA ILE A 200 -36.56 -1.81 -1.85
C ILE A 200 -37.91 -2.51 -2.15
N ALA A 201 -38.39 -2.42 -3.37
CA ALA A 201 -39.69 -3.03 -3.75
C ALA A 201 -39.67 -4.60 -3.68
N GLU A 202 -38.48 -5.22 -3.55
CA GLU A 202 -38.29 -6.70 -3.54
C GLU A 202 -37.32 -7.21 -2.45
N LEU A 203 -37.37 -6.61 -1.28
CA LEU A 203 -36.57 -7.11 -0.23
C LEU A 203 -36.78 -8.59 0.09
N ASP A 204 -37.97 -9.23 -0.21
CA ASP A 204 -38.13 -10.65 0.17
C ASP A 204 -37.15 -11.54 -0.70
N THR A 205 -36.59 -10.95 -1.77
CA THR A 205 -35.58 -11.64 -2.60
C THR A 205 -34.13 -11.56 -2.01
N LEU A 206 -33.95 -10.87 -0.93
CA LEU A 206 -32.60 -10.76 -0.42
C LEU A 206 -32.26 -12.20 0.03
N SER A 207 -30.97 -12.58 -0.07
CA SER A 207 -30.64 -13.97 0.27
C SER A 207 -29.78 -13.92 1.45
N GLU A 208 -29.77 -14.99 2.23
CA GLU A 208 -28.96 -14.99 3.46
C GLU A 208 -27.40 -14.91 3.11
N GLU A 209 -27.04 -15.29 1.87
CA GLU A 209 -25.66 -15.24 1.40
C GLU A 209 -25.22 -13.85 1.04
N SER A 210 -26.16 -13.01 0.62
CA SER A 210 -25.75 -11.72 0.01
C SER A 210 -26.56 -10.46 0.45
N TYR A 211 -27.46 -10.60 1.43
CA TYR A 211 -28.20 -9.45 1.83
C TYR A 211 -27.41 -8.27 2.37
N LYS A 212 -26.27 -8.51 3.02
CA LYS A 212 -25.40 -7.33 3.47
C LYS A 212 -24.69 -6.74 2.25
N ASP A 213 -24.36 -7.54 1.24
CA ASP A 213 -23.76 -6.95 0.02
C ASP A 213 -24.81 -6.12 -0.73
N SER A 214 -26.02 -6.64 -0.85
CA SER A 214 -27.03 -5.92 -1.56
C SER A 214 -27.34 -4.59 -0.86
N THR A 215 -27.65 -4.65 0.45
CA THR A 215 -28.06 -3.42 1.11
C THR A 215 -26.88 -2.49 1.22
N LEU A 216 -25.62 -2.91 1.37
CA LEU A 216 -24.48 -1.95 1.29
C LEU A 216 -24.45 -1.17 -0.03
N ILE A 217 -24.64 -1.87 -1.18
CA ILE A 217 -24.62 -1.14 -2.46
C ILE A 217 -25.83 -0.19 -2.52
N MET A 218 -27.01 -0.59 -1.99
CA MET A 218 -28.09 0.35 -1.98
C MET A 218 -27.76 1.57 -1.19
N GLN A 219 -27.04 1.47 -0.09
CA GLN A 219 -26.63 2.64 0.74
C GLN A 219 -25.75 3.54 -0.17
N LEU A 220 -24.84 2.91 -0.92
CA LEU A 220 -23.98 3.68 -1.78
C LEU A 220 -24.70 4.43 -2.89
N LEU A 221 -25.73 3.76 -3.44
CA LEU A 221 -26.56 4.45 -4.43
C LEU A 221 -27.22 5.67 -3.79
N ARG A 222 -27.70 5.55 -2.55
CA ARG A 222 -28.40 6.69 -1.98
C ARG A 222 -27.39 7.73 -1.58
N ASP A 223 -26.20 7.35 -1.20
CA ASP A 223 -25.16 8.33 -0.79
C ASP A 223 -24.76 9.16 -2.05
N ASN A 224 -24.66 8.52 -3.20
CA ASN A 224 -24.33 9.29 -4.40
C ASN A 224 -25.50 10.18 -4.76
N LEU A 225 -26.74 9.68 -4.74
CA LEU A 225 -27.93 10.53 -4.88
C LEU A 225 -27.94 11.71 -3.94
N THR A 226 -27.54 11.49 -2.71
CA THR A 226 -27.42 12.61 -1.78
C THR A 226 -26.35 13.61 -2.23
N LEU A 227 -25.16 13.13 -2.61
CA LEU A 227 -24.10 14.02 -3.07
C LEU A 227 -24.64 14.80 -4.23
N TRP A 228 -25.36 14.15 -5.13
CA TRP A 228 -25.67 14.77 -6.42
C TRP A 228 -26.85 15.71 -6.35
N THR A 229 -27.62 15.70 -5.28
CA THR A 229 -28.86 16.43 -5.18
C THR A 229 -28.65 17.55 -4.23
N SER A 230 -27.41 17.71 -3.76
CA SER A 230 -27.06 18.59 -2.59
C SER A 230 -26.23 19.87 -2.91
N MET B 1 21.80 14.05 -13.87
CA MET B 1 20.63 14.93 -13.42
C MET B 1 20.97 15.83 -12.24
N ASP B 2 20.27 16.99 -12.25
CA ASP B 2 20.39 18.05 -11.32
C ASP B 2 19.79 17.54 -9.98
N LYS B 3 20.56 17.68 -8.91
CA LYS B 3 20.04 17.32 -7.58
C LYS B 3 18.73 18.05 -7.16
N ASN B 4 18.59 19.34 -7.43
CA ASN B 4 17.33 20.01 -7.03
C ASN B 4 16.09 19.45 -7.70
N GLU B 5 16.25 19.11 -8.97
CA GLU B 5 15.23 18.47 -9.79
C GLU B 5 14.80 17.11 -9.14
N LEU B 6 15.82 16.31 -8.78
CA LEU B 6 15.63 14.96 -8.12
C LEU B 6 14.91 15.14 -6.82
N VAL B 7 15.31 16.13 -6.01
CA VAL B 7 14.53 16.44 -4.77
C VAL B 7 13.10 16.89 -5.00
N GLN B 8 12.83 17.70 -6.05
CA GLN B 8 11.45 18.12 -6.34
CA GLN B 8 11.45 18.08 -6.26
C GLN B 8 10.60 16.88 -6.77
N LYS B 9 11.24 15.99 -7.55
CA LYS B 9 10.60 14.75 -8.01
C LYS B 9 10.29 13.86 -6.82
N ALA B 10 11.20 13.78 -5.86
CA ALA B 10 11.01 12.91 -4.69
C ALA B 10 9.81 13.47 -3.90
N LYS B 11 9.67 14.80 -3.79
CA LYS B 11 8.54 15.37 -3.09
C LYS B 11 7.22 15.05 -3.77
N LEU B 12 7.21 15.16 -5.09
CA LEU B 12 5.99 14.75 -5.84
C LEU B 12 5.65 13.28 -5.63
N ALA B 13 6.67 12.42 -5.67
CA ALA B 13 6.49 11.01 -5.50
C ALA B 13 5.84 10.78 -4.12
N GLU B 14 6.39 11.43 -3.07
CA GLU B 14 5.82 11.30 -1.74
C GLU B 14 4.28 11.64 -1.74
N GLN B 15 3.92 12.79 -2.33
CA GLN B 15 2.54 13.14 -2.39
CA GLN B 15 2.51 13.13 -2.35
C GLN B 15 1.66 12.13 -3.12
N ALA B 16 2.20 11.57 -4.18
CA ALA B 16 1.54 10.51 -4.96
C ALA B 16 1.58 9.11 -4.35
N GLU B 17 2.16 9.00 -3.14
CA GLU B 17 2.38 7.75 -2.46
C GLU B 17 3.07 6.71 -3.34
N ARG B 18 4.14 7.15 -4.03
CA ARG B 18 4.89 6.33 -4.94
C ARG B 18 6.28 6.25 -4.34
N TYR B 19 6.41 5.37 -3.31
CA TYR B 19 7.63 5.37 -2.46
C TYR B 19 8.77 4.72 -3.11
N ASP B 20 8.57 3.84 -4.11
CA ASP B 20 9.75 3.29 -4.79
C ASP B 20 10.38 4.42 -5.64
N ASP B 21 9.49 5.20 -6.31
CA ASP B 21 10.03 6.32 -7.08
C ASP B 21 10.74 7.34 -6.17
N MET B 22 10.20 7.61 -5.00
CA MET B 22 10.80 8.55 -4.05
C MET B 22 12.12 8.05 -3.65
N ALA B 23 12.24 6.79 -3.27
CA ALA B 23 13.52 6.25 -2.83
C ALA B 23 14.52 6.25 -3.94
N ALA B 24 14.12 5.98 -5.18
CA ALA B 24 15.13 6.01 -6.26
C ALA B 24 15.67 7.42 -6.51
N CYS B 25 14.84 8.44 -6.45
CA CYS B 25 15.26 9.87 -6.58
C CYS B 25 16.24 10.19 -5.42
N MET B 26 15.92 9.79 -4.18
CA MET B 26 16.79 10.22 -3.07
C MET B 26 18.08 9.36 -3.03
N LYS B 27 18.03 8.09 -3.50
CA LYS B 27 19.26 7.28 -3.55
C LYS B 27 20.17 8.01 -4.59
N SER B 28 19.61 8.49 -5.71
CA SER B 28 20.43 9.21 -6.80
C SER B 28 21.03 10.44 -6.20
N VAL B 29 20.29 11.17 -5.42
CA VAL B 29 20.85 12.40 -4.76
C VAL B 29 22.02 11.95 -3.84
N THR B 30 21.82 10.90 -3.03
CA THR B 30 22.85 10.54 -2.08
C THR B 30 24.11 10.14 -2.83
N GLU B 31 24.00 9.36 -3.91
CA GLU B 31 25.12 8.86 -4.69
C GLU B 31 25.95 9.91 -5.47
N GLN B 32 25.47 11.14 -5.57
CA GLN B 32 26.29 12.28 -6.10
C GLN B 32 27.34 12.70 -5.10
N GLY B 33 27.13 12.47 -3.79
CA GLY B 33 28.22 12.49 -2.82
C GLY B 33 28.28 13.77 -2.01
N ALA B 34 27.37 14.73 -2.19
CA ALA B 34 27.37 15.91 -1.29
C ALA B 34 26.62 15.57 -0.03
N GLU B 35 26.90 16.22 1.09
CA GLU B 35 26.31 15.91 2.36
C GLU B 35 24.84 16.30 2.20
N LEU B 36 23.84 15.47 2.59
CA LEU B 36 22.46 15.90 2.44
C LEU B 36 22.05 16.96 3.44
N SER B 37 21.18 17.85 3.02
CA SER B 37 20.55 18.71 3.98
C SER B 37 19.63 17.94 4.91
N ASN B 38 19.20 18.59 5.99
CA ASN B 38 18.21 17.92 6.85
C ASN B 38 16.97 17.52 6.07
N GLU B 39 16.49 18.43 5.23
CA GLU B 39 15.27 18.21 4.37
C GLU B 39 15.50 16.96 3.54
N GLU B 40 16.62 16.86 2.85
CA GLU B 40 16.97 15.72 1.93
C GLU B 40 17.15 14.42 2.71
N ARG B 41 17.85 14.52 3.89
CA ARG B 41 17.98 13.39 4.75
C ARG B 41 16.62 12.87 5.15
N ASN B 42 15.73 13.77 5.48
CA ASN B 42 14.40 13.30 5.96
C ASN B 42 13.66 12.67 4.80
N LEU B 43 13.73 13.18 3.57
CA LEU B 43 13.03 12.58 2.42
C LEU B 43 13.64 11.19 2.15
N LEU B 44 14.95 11.04 2.18
CA LEU B 44 15.55 9.71 1.99
C LEU B 44 15.01 8.72 3.02
N SER B 45 14.98 9.13 4.26
CA SER B 45 14.54 8.27 5.34
C SER B 45 13.06 7.90 5.23
N VAL B 46 12.20 8.85 4.91
CA VAL B 46 10.71 8.57 4.75
C VAL B 46 10.55 7.58 3.59
N ALA B 47 11.29 7.77 2.47
CA ALA B 47 11.10 6.92 1.29
C ALA B 47 11.49 5.51 1.66
N TYR B 48 12.66 5.27 2.24
CA TYR B 48 13.06 3.89 2.58
C TYR B 48 12.25 3.32 3.71
N LYS B 49 11.80 4.13 4.63
CA LYS B 49 11.00 3.63 5.72
C LYS B 49 9.70 3.01 5.14
N ASN B 50 9.08 3.65 4.10
CA ASN B 50 7.86 3.14 3.49
C ASN B 50 8.14 1.95 2.65
N VAL B 51 9.20 2.00 1.83
CA VAL B 51 9.62 0.84 0.96
C VAL B 51 9.88 -0.45 1.87
N VAL B 52 10.67 -0.34 2.94
CA VAL B 52 11.02 -1.48 3.71
C VAL B 52 9.76 -1.83 4.55
N GLY B 53 9.02 -0.81 5.01
CA GLY B 53 7.86 -1.02 5.86
C GLY B 53 6.81 -1.90 5.17
N ALA B 54 6.61 -1.75 3.86
CA ALA B 54 5.61 -2.56 3.16
C ALA B 54 6.00 -4.04 3.25
N ARG B 55 7.29 -4.30 3.08
CA ARG B 55 7.77 -5.68 3.10
C ARG B 55 7.73 -6.23 4.50
N ARG B 56 8.07 -5.44 5.52
CA ARG B 56 7.88 -5.91 6.91
C ARG B 56 6.47 -6.30 7.23
N SER B 57 5.48 -5.46 6.82
CA SER B 57 4.13 -5.72 7.06
C SER B 57 3.74 -7.02 6.34
N SER B 58 4.09 -7.17 5.07
CA SER B 58 3.79 -8.40 4.31
C SER B 58 4.42 -9.59 4.96
N TRP B 59 5.67 -9.49 5.38
CA TRP B 59 6.36 -10.56 5.97
C TRP B 59 5.58 -11.06 7.25
N ARG B 60 5.09 -10.10 8.10
CA ARG B 60 4.41 -10.43 9.34
CA ARG B 60 4.44 -10.48 9.33
C ARG B 60 3.14 -11.21 8.99
N VAL B 61 2.39 -10.78 7.97
CA VAL B 61 1.14 -11.41 7.63
C VAL B 61 1.47 -12.81 7.17
N VAL B 62 2.41 -13.02 6.28
CA VAL B 62 2.71 -14.36 5.72
C VAL B 62 3.32 -15.29 6.76
N SER B 63 4.17 -14.78 7.65
CA SER B 63 4.68 -15.54 8.81
CA SER B 63 4.71 -15.64 8.68
C SER B 63 3.60 -16.07 9.68
N SER B 64 2.57 -15.24 9.92
CA SER B 64 1.50 -15.62 10.78
C SER B 64 0.70 -16.75 10.10
N ILE B 65 0.46 -16.64 8.82
CA ILE B 65 -0.27 -17.71 8.12
C ILE B 65 0.53 -19.01 8.13
N GLU B 66 1.83 -18.92 7.95
CA GLU B 66 2.72 -20.08 7.90
C GLU B 66 2.68 -20.75 9.29
N GLN B 67 2.65 -19.98 10.40
CA GLN B 67 2.43 -20.58 11.74
C GLN B 67 1.03 -21.22 11.90
N LYS B 68 0.01 -20.55 11.43
CA LYS B 68 -1.35 -21.02 11.64
C LYS B 68 -1.75 -22.23 10.73
N THR B 69 -0.83 -22.62 9.84
CA THR B 69 -1.18 -23.67 8.82
C THR B 69 -0.33 -24.92 9.09
N GLU B 70 0.18 -25.05 10.28
CA GLU B 70 0.85 -26.28 10.66
C GLU B 70 -0.24 -27.40 10.54
N GLY B 71 0.13 -28.50 9.88
CA GLY B 71 -0.85 -29.62 9.57
C GLY B 71 -1.73 -29.41 8.37
N ALA B 72 -1.40 -28.34 7.62
CA ALA B 72 -2.06 -28.01 6.34
C ALA B 72 -0.90 -27.89 5.34
N GLU B 73 -0.60 -28.98 4.67
CA GLU B 73 0.67 -29.21 4.01
CA GLU B 73 0.70 -29.14 4.10
C GLU B 73 0.91 -28.27 2.89
N LYS B 74 -0.10 -28.16 2.03
CA LYS B 74 -0.05 -27.27 0.84
C LYS B 74 0.10 -25.87 1.29
N LYS B 75 -0.71 -25.45 2.24
CA LYS B 75 -0.75 -24.04 2.57
C LYS B 75 0.55 -23.70 3.21
N GLN B 76 1.07 -24.50 4.13
CA GLN B 76 2.26 -24.08 4.89
C GLN B 76 3.44 -24.03 3.96
N GLN B 77 3.60 -24.98 3.05
CA GLN B 77 4.66 -24.98 2.05
CA GLN B 77 4.74 -24.88 2.17
C GLN B 77 4.62 -23.67 1.22
N MET B 78 3.46 -23.35 0.72
CA MET B 78 3.37 -22.12 -0.10
C MET B 78 3.62 -20.86 0.73
N ALA B 79 3.12 -20.81 1.97
CA ALA B 79 3.38 -19.63 2.81
C ALA B 79 4.86 -19.54 3.07
N ARG B 80 5.59 -20.66 3.37
CA ARG B 80 7.05 -20.63 3.51
CA ARG B 80 7.02 -20.57 3.60
C ARG B 80 7.74 -20.03 2.31
N GLU B 81 7.33 -20.52 1.12
CA GLU B 81 8.10 -20.11 -0.10
C GLU B 81 7.87 -18.62 -0.34
N TYR B 82 6.61 -18.17 -0.04
CA TYR B 82 6.28 -16.75 -0.24
C TYR B 82 7.03 -15.90 0.80
N ARG B 83 7.09 -16.34 2.06
CA ARG B 83 7.83 -15.67 3.05
C ARG B 83 9.30 -15.46 2.66
N GLU B 84 9.89 -16.53 2.06
CA GLU B 84 11.28 -16.46 1.64
C GLU B 84 11.45 -15.48 0.50
N LYS B 85 10.48 -15.36 -0.44
CA LYS B 85 10.60 -14.30 -1.47
CA LYS B 85 10.42 -14.31 -1.50
C LYS B 85 10.46 -12.90 -0.91
N ILE B 86 9.55 -12.64 0.01
CA ILE B 86 9.51 -11.32 0.64
C ILE B 86 10.76 -11.07 1.46
N GLU B 87 11.34 -12.05 2.21
CA GLU B 87 12.61 -11.80 2.92
C GLU B 87 13.66 -11.38 1.96
N THR B 88 13.74 -11.94 0.77
CA THR B 88 14.83 -11.58 -0.19
C THR B 88 14.68 -10.14 -0.56
N GLU B 89 13.46 -9.73 -0.87
CA GLU B 89 13.21 -8.30 -1.17
C GLU B 89 13.60 -7.39 -0.01
N LEU B 90 13.23 -7.76 1.20
CA LEU B 90 13.44 -6.90 2.40
C LEU B 90 14.94 -6.86 2.60
N ARG B 91 15.69 -7.98 2.50
CA ARG B 91 17.16 -7.93 2.69
CA ARG B 91 17.12 -7.87 2.75
CA ARG B 91 17.13 -7.99 2.69
C ARG B 91 17.84 -7.00 1.68
N ASP B 92 17.40 -7.07 0.41
CA ASP B 92 17.98 -6.22 -0.68
C ASP B 92 17.75 -4.78 -0.27
N ILE B 93 16.56 -4.42 0.19
CA ILE B 93 16.34 -3.02 0.53
C ILE B 93 17.25 -2.62 1.70
N CYS B 94 17.30 -3.41 2.75
CA CYS B 94 18.12 -3.05 3.90
C CYS B 94 19.56 -2.98 3.46
N ASN B 95 20.00 -3.84 2.58
CA ASN B 95 21.39 -3.84 2.27
C ASN B 95 21.70 -2.57 1.43
N ASP B 96 20.74 -2.11 0.62
CA ASP B 96 20.81 -0.89 -0.14
CA ASP B 96 20.90 -0.84 -0.14
C ASP B 96 21.06 0.35 0.77
N VAL B 97 20.18 0.48 1.77
CA VAL B 97 20.29 1.59 2.75
C VAL B 97 21.59 1.51 3.52
N LEU B 98 21.92 0.30 4.01
CA LEU B 98 23.15 0.13 4.83
C LEU B 98 24.38 0.52 3.96
N SER B 99 24.37 0.25 2.63
CA SER B 99 25.48 0.67 1.75
CA SER B 99 25.48 0.66 1.76
C SER B 99 25.56 2.16 1.63
N LEU B 100 24.40 2.84 1.43
CA LEU B 100 24.34 4.34 1.38
C LEU B 100 24.89 4.90 2.70
N LEU B 101 24.47 4.33 3.87
CA LEU B 101 24.94 4.80 5.16
CA LEU B 101 24.95 4.70 5.20
C LEU B 101 26.47 4.73 5.28
N GLU B 102 27.05 3.63 4.85
CA GLU B 102 28.46 3.43 5.00
C GLU B 102 29.27 4.24 4.04
N LYS B 103 28.80 4.39 2.82
CA LYS B 103 29.63 4.99 1.76
C LYS B 103 29.44 6.49 1.72
N PHE B 104 28.30 7.04 2.10
CA PHE B 104 28.03 8.46 1.94
C PHE B 104 27.57 9.11 3.20
N LEU B 105 26.51 8.62 3.79
CA LEU B 105 25.91 9.39 4.83
C LEU B 105 26.64 9.51 6.11
N ILE B 106 27.08 8.39 6.62
CA ILE B 106 27.90 8.47 7.83
C ILE B 106 29.26 9.22 7.64
N PRO B 107 30.04 8.90 6.60
CA PRO B 107 31.29 9.68 6.45
C PRO B 107 31.12 11.13 6.23
N ASN B 108 30.04 11.59 5.58
CA ASN B 108 29.85 12.98 5.26
C ASN B 108 29.24 13.76 6.37
N ALA B 109 28.79 13.11 7.45
CA ALA B 109 27.95 13.84 8.46
C ALA B 109 28.83 14.84 9.23
N SER B 110 28.60 16.08 9.08
CA SER B 110 29.47 17.14 9.69
C SER B 110 29.10 17.50 11.16
N GLN B 111 27.89 17.10 11.64
CA GLN B 111 27.31 17.56 12.89
CA GLN B 111 27.42 17.53 12.95
C GLN B 111 26.90 16.28 13.67
N ALA B 112 26.95 16.31 14.97
CA ALA B 112 26.60 15.20 15.81
C ALA B 112 25.16 14.82 15.61
N GLU B 113 24.24 15.79 15.52
CA GLU B 113 22.81 15.45 15.27
C GLU B 113 22.66 14.51 14.06
N SER B 114 23.38 14.81 12.96
CA SER B 114 23.20 14.05 11.70
C SER B 114 23.90 12.71 11.91
N LYS B 115 25.11 12.68 12.49
CA LYS B 115 25.80 11.40 12.92
CA LYS B 115 25.77 11.39 12.76
C LYS B 115 24.88 10.48 13.66
N VAL B 116 24.21 11.03 14.70
CA VAL B 116 23.27 10.25 15.56
C VAL B 116 22.13 9.69 14.65
N PHE B 117 21.51 10.58 13.85
CA PHE B 117 20.38 10.21 12.98
C PHE B 117 20.80 9.01 12.12
N TYR B 118 21.96 9.08 11.50
CA TYR B 118 22.39 7.99 10.57
C TYR B 118 22.83 6.76 11.32
N LEU B 119 23.49 6.87 12.47
CA LEU B 119 23.86 5.62 13.23
C LEU B 119 22.60 4.95 13.75
N LYS B 120 21.64 5.74 14.17
CA LYS B 120 20.30 5.16 14.55
C LYS B 120 19.70 4.42 13.37
N MET B 121 19.67 5.08 12.21
CA MET B 121 19.20 4.44 10.98
C MET B 121 19.92 3.09 10.70
N LYS B 122 21.23 3.09 10.83
CA LYS B 122 21.99 1.85 10.71
C LYS B 122 21.53 0.83 11.72
N GLY B 123 21.33 1.21 12.99
CA GLY B 123 20.71 0.25 13.96
C GLY B 123 19.38 -0.31 13.50
N ASP B 124 18.58 0.61 13.00
CA ASP B 124 17.19 0.20 12.61
C ASP B 124 17.27 -0.87 11.47
N TYR B 125 18.08 -0.59 10.43
CA TYR B 125 18.05 -1.50 9.27
C TYR B 125 18.76 -2.79 9.60
N TYR B 126 19.76 -2.80 10.46
CA TYR B 126 20.26 -4.10 10.93
C TYR B 126 19.20 -4.81 11.82
N ARG B 127 18.41 -4.03 12.57
CA ARG B 127 17.31 -4.62 13.33
C ARG B 127 16.27 -5.28 12.34
N TYR B 128 15.96 -4.64 11.22
CA TYR B 128 15.05 -5.27 10.21
C TYR B 128 15.64 -6.55 9.67
N LEU B 129 16.95 -6.55 9.41
CA LEU B 129 17.65 -7.77 8.95
C LEU B 129 17.63 -8.83 10.05
N ALA B 130 17.80 -8.40 11.31
CA ALA B 130 17.82 -9.39 12.39
C ALA B 130 16.42 -10.10 12.45
N GLU B 131 15.30 -9.39 12.15
CA GLU B 131 13.96 -10.00 12.25
C GLU B 131 13.81 -11.12 11.33
N VAL B 132 14.52 -11.10 10.24
CA VAL B 132 14.35 -12.14 9.22
C VAL B 132 15.58 -13.01 9.04
N ALA B 133 16.54 -12.93 9.94
CA ALA B 133 17.84 -13.65 9.73
C ALA B 133 17.72 -15.15 9.77
N ALA B 134 18.54 -15.82 8.95
CA ALA B 134 18.85 -17.28 9.18
C ALA B 134 19.42 -17.47 10.61
N GLY B 135 19.15 -18.64 11.19
CA GLY B 135 19.45 -18.99 12.58
C GLY B 135 20.93 -18.84 12.85
N ASP B 136 21.74 -19.26 11.89
CA ASP B 136 23.16 -19.15 11.98
CA ASP B 136 23.18 -19.15 11.99
C ASP B 136 23.72 -17.71 12.01
N ASP B 137 23.08 -16.80 11.26
CA ASP B 137 23.53 -15.39 10.99
C ASP B 137 22.99 -14.45 12.02
N LYS B 138 22.03 -14.92 12.77
CA LYS B 138 21.24 -13.97 13.57
C LYS B 138 22.02 -13.28 14.64
N LYS B 139 22.79 -13.99 15.50
CA LYS B 139 23.59 -13.38 16.57
CA LYS B 139 23.48 -13.32 16.59
CA LYS B 139 23.45 -13.31 16.58
C LYS B 139 24.42 -12.27 15.99
N GLY B 140 25.00 -12.53 14.83
CA GLY B 140 25.96 -11.56 14.25
C GLY B 140 25.28 -10.28 13.82
N ILE B 141 24.16 -10.47 13.21
CA ILE B 141 23.27 -9.31 12.82
C ILE B 141 22.73 -8.52 13.99
N VAL B 142 22.30 -9.23 15.05
CA VAL B 142 21.79 -8.57 16.22
C VAL B 142 22.92 -7.70 16.81
N ASP B 143 24.20 -8.22 16.83
CA ASP B 143 25.25 -7.51 17.42
C ASP B 143 25.61 -6.27 16.56
N GLN B 144 25.50 -6.36 15.25
CA GLN B 144 25.67 -5.19 14.42
C GLN B 144 24.63 -4.12 14.66
N SER B 145 23.34 -4.48 14.87
CA SER B 145 22.29 -3.41 15.16
CA SER B 145 22.30 -3.50 15.21
C SER B 145 22.66 -2.84 16.53
N GLN B 146 22.98 -3.69 17.53
CA GLN B 146 23.34 -3.17 18.90
C GLN B 146 24.53 -2.21 18.83
N GLN B 147 25.58 -2.55 18.06
CA GLN B 147 26.79 -1.70 18.00
CA GLN B 147 26.80 -1.68 17.90
CA GLN B 147 26.77 -1.69 18.06
C GLN B 147 26.44 -0.31 17.39
N ALA B 148 25.58 -0.27 16.37
CA ALA B 148 25.24 0.99 15.76
C ALA B 148 24.39 1.82 16.70
N TYR B 149 23.38 1.21 17.33
CA TYR B 149 22.55 1.97 18.28
C TYR B 149 23.44 2.51 19.42
N GLN B 150 24.37 1.69 19.88
CA GLN B 150 25.15 2.06 21.07
C GLN B 150 26.08 3.22 20.71
N GLU B 151 26.65 3.14 19.49
CA GLU B 151 27.50 4.26 19.01
C GLU B 151 26.70 5.56 18.89
N ALA B 152 25.48 5.48 18.33
CA ALA B 152 24.60 6.64 18.27
C ALA B 152 24.29 7.16 19.67
N PHE B 153 24.05 6.25 20.59
CA PHE B 153 23.61 6.59 21.95
C PHE B 153 24.74 7.30 22.66
N GLU B 154 26.01 6.84 22.53
CA GLU B 154 27.07 7.55 23.26
CA GLU B 154 27.17 7.52 23.16
C GLU B 154 27.30 8.94 22.68
N ILE B 155 27.18 9.12 21.36
CA ILE B 155 27.25 10.43 20.80
C ILE B 155 26.13 11.40 21.23
N SER B 156 24.90 10.88 21.21
CA SER B 156 23.76 11.68 21.61
CA SER B 156 23.73 11.59 21.64
C SER B 156 23.83 12.07 23.09
N LYS B 157 24.35 11.19 23.93
CA LYS B 157 24.42 11.49 25.42
C LYS B 157 25.41 12.61 25.68
N LYS B 158 26.47 12.69 24.85
CA LYS B 158 27.51 13.74 24.98
CA LYS B 158 27.49 13.74 25.00
CA LYS B 158 27.46 13.75 25.06
C LYS B 158 27.11 15.06 24.33
N GLU B 159 26.37 14.99 23.22
CA GLU B 159 26.20 16.11 22.31
C GLU B 159 24.81 16.65 22.16
N MET B 160 23.78 15.93 22.63
CA MET B 160 22.42 16.44 22.39
C MET B 160 21.64 16.54 23.71
N GLN B 161 20.70 17.47 23.77
CA GLN B 161 19.85 17.56 24.99
C GLN B 161 18.93 16.39 25.04
N PRO B 162 18.61 15.96 26.27
CA PRO B 162 17.75 14.76 26.45
C PRO B 162 16.35 14.89 25.81
N THR B 163 15.98 16.15 25.60
CA THR B 163 14.67 16.47 24.98
C THR B 163 14.73 16.45 23.43
N HIS B 164 15.91 16.39 22.79
CA HIS B 164 15.98 16.46 21.36
C HIS B 164 15.22 15.27 20.73
N PRO B 165 14.31 15.52 19.78
CA PRO B 165 13.55 14.39 19.20
C PRO B 165 14.43 13.30 18.59
N ILE B 166 15.63 13.64 18.03
CA ILE B 166 16.40 12.54 17.49
C ILE B 166 16.99 11.70 18.64
N ARG B 167 17.42 12.32 19.77
CA ARG B 167 17.91 11.52 20.88
C ARG B 167 16.73 10.67 21.50
N LEU B 168 15.54 11.28 21.58
CA LEU B 168 14.37 10.55 22.14
C LEU B 168 13.99 9.42 21.18
N GLY B 169 13.97 9.66 19.88
CA GLY B 169 13.60 8.62 18.88
C GLY B 169 14.64 7.49 18.90
N LEU B 170 15.91 7.78 19.09
CA LEU B 170 16.95 6.74 19.31
C LEU B 170 16.60 5.98 20.53
N ALA B 171 16.34 6.63 21.67
CA ALA B 171 15.99 5.84 22.87
C ALA B 171 14.76 4.91 22.66
N LEU B 172 13.76 5.45 21.92
CA LEU B 172 12.56 4.62 21.60
C LEU B 172 13.00 3.37 20.82
N ASN B 173 13.61 3.58 19.66
CA ASN B 173 13.94 2.45 18.79
C ASN B 173 14.99 1.46 19.44
N PHE B 174 15.93 2.01 20.21
CA PHE B 174 16.94 1.16 20.78
C PHE B 174 16.23 0.39 21.93
N SER B 175 15.30 0.96 22.69
CA SER B 175 14.65 0.24 23.75
C SER B 175 13.80 -0.91 23.13
N VAL B 176 13.19 -0.65 21.99
CA VAL B 176 12.41 -1.74 21.25
C VAL B 176 13.31 -2.81 20.72
N PHE B 177 14.51 -2.45 20.29
CA PHE B 177 15.56 -3.46 19.87
C PHE B 177 15.82 -4.33 21.11
N TYR B 178 16.00 -3.70 22.28
CA TYR B 178 16.32 -4.54 23.50
C TYR B 178 15.13 -5.50 23.81
N TYR B 179 13.87 -5.00 23.77
CA TYR B 179 12.75 -5.80 24.20
C TYR B 179 12.47 -6.89 23.11
N GLU B 180 12.44 -6.56 21.82
CA GLU B 180 11.92 -7.43 20.73
C GLU B 180 13.02 -8.26 20.18
N ILE B 181 14.23 -7.72 20.09
CA ILE B 181 15.30 -8.44 19.40
C ILE B 181 16.24 -9.17 20.38
N LEU B 182 16.69 -8.49 21.43
CA LEU B 182 17.59 -9.14 22.43
CA LEU B 182 17.56 -9.10 22.45
C LEU B 182 16.79 -9.81 23.53
N ASN B 183 15.44 -9.68 23.52
CA ASN B 183 14.56 -10.25 24.54
CA ASN B 183 14.54 -10.32 24.55
C ASN B 183 14.99 -9.92 25.95
N SER B 184 15.39 -8.67 26.15
CA SER B 184 15.73 -8.10 27.43
C SER B 184 14.74 -7.08 27.90
N PRO B 185 13.68 -7.49 28.58
CA PRO B 185 12.78 -6.50 29.20
C PRO B 185 13.53 -5.58 30.18
N GLU B 186 14.52 -6.05 30.93
CA GLU B 186 15.25 -5.17 31.80
CA GLU B 186 15.32 -5.18 31.81
C GLU B 186 16.03 -4.07 31.09
N LYS B 187 16.80 -4.41 30.02
CA LYS B 187 17.58 -3.36 29.40
CA LYS B 187 17.57 -3.37 29.37
C LYS B 187 16.57 -2.46 28.70
N ALA B 188 15.49 -3.04 28.16
CA ALA B 188 14.50 -2.18 27.48
C ALA B 188 13.83 -1.18 28.43
N CYS B 189 13.36 -1.62 29.59
CA CYS B 189 12.71 -0.65 30.49
C CYS B 189 13.73 0.31 31.08
N SER B 190 14.96 -0.11 31.32
CA SER B 190 15.98 0.77 31.86
C SER B 190 16.25 1.93 30.92
N LEU B 191 16.48 1.61 29.67
CA LEU B 191 16.76 2.64 28.69
C LEU B 191 15.57 3.56 28.50
N ALA B 192 14.38 2.99 28.36
CA ALA B 192 13.19 3.85 28.14
C ALA B 192 12.92 4.76 29.35
N LYS B 193 13.00 4.23 30.56
CA LYS B 193 12.78 5.03 31.79
CA LYS B 193 12.70 5.06 31.72
C LYS B 193 13.80 6.12 31.93
N THR B 194 15.04 5.77 31.74
CA THR B 194 16.08 6.80 31.89
C THR B 194 15.90 7.89 30.88
N ALA B 195 15.69 7.53 29.63
CA ALA B 195 15.48 8.58 28.62
C ALA B 195 14.32 9.48 28.97
N PHE B 196 13.15 8.90 29.35
CA PHE B 196 11.98 9.69 29.72
C PHE B 196 12.27 10.64 30.88
N ASP B 197 12.89 10.14 31.93
CA ASP B 197 13.21 10.95 33.10
C ASP B 197 14.18 12.06 32.82
N GLU B 198 15.26 11.79 32.02
CA GLU B 198 16.24 12.83 31.68
C GLU B 198 15.57 13.92 30.89
N ALA B 199 14.55 13.59 30.08
CA ALA B 199 13.81 14.59 29.36
C ALA B 199 12.94 15.40 30.24
N ILE B 200 12.23 14.72 31.12
CA ILE B 200 11.33 15.41 32.08
C ILE B 200 12.08 16.54 32.78
N ALA B 201 13.35 16.29 33.11
CA ALA B 201 14.11 17.21 33.94
C ALA B 201 14.59 18.41 33.13
N GLU B 202 14.45 18.43 31.80
CA GLU B 202 14.83 19.57 30.97
CA GLU B 202 14.85 19.61 31.06
C GLU B 202 13.68 20.14 30.21
N LEU B 203 12.44 19.84 30.55
CA LEU B 203 11.28 20.35 29.82
C LEU B 203 11.14 21.91 29.95
N ASP B 204 11.49 22.39 31.13
CA ASP B 204 11.44 23.85 31.40
C ASP B 204 12.28 24.64 30.44
N THR B 205 13.32 24.01 29.83
CA THR B 205 14.26 24.75 29.00
C THR B 205 13.96 24.49 27.55
N LEU B 206 12.93 23.70 27.29
CA LEU B 206 12.77 23.22 25.88
C LEU B 206 12.19 24.38 25.04
N SER B 207 12.69 24.60 23.81
CA SER B 207 12.05 25.61 22.98
CA SER B 207 12.06 25.58 22.91
C SER B 207 10.65 25.17 22.60
N GLU B 208 9.72 26.13 22.63
CA GLU B 208 8.35 25.90 22.31
C GLU B 208 8.11 25.18 20.98
N GLU B 209 8.91 25.51 19.96
CA GLU B 209 8.77 24.83 18.69
C GLU B 209 8.87 23.32 18.75
N SER B 210 9.57 22.83 19.78
CA SER B 210 9.81 21.36 19.89
C SER B 210 8.83 20.67 20.86
N TYR B 211 7.92 21.41 21.44
CA TYR B 211 7.04 20.80 22.49
C TYR B 211 6.38 19.57 21.91
N LYS B 212 5.90 19.68 20.70
CA LYS B 212 5.07 18.58 20.22
C LYS B 212 5.85 17.37 19.92
N ASP B 213 6.88 17.54 19.08
CA ASP B 213 7.65 16.34 18.71
C ASP B 213 8.23 15.67 19.98
N SER B 214 8.85 16.45 20.87
CA SER B 214 9.53 15.88 22.04
C SER B 214 8.52 15.16 22.90
N THR B 215 7.42 15.80 23.24
CA THR B 215 6.57 15.18 24.27
C THR B 215 5.82 14.00 23.62
N LEU B 216 5.57 13.99 22.29
CA LEU B 216 4.97 12.81 21.65
C LEU B 216 5.88 11.61 21.78
N ILE B 217 7.20 11.81 21.55
CA ILE B 217 8.06 10.61 21.64
C ILE B 217 8.18 10.13 23.12
N MET B 218 8.20 11.12 24.07
CA MET B 218 8.19 10.79 25.49
C MET B 218 6.94 9.97 25.84
N GLN B 219 5.78 10.33 25.29
CA GLN B 219 4.57 9.50 25.54
C GLN B 219 4.66 8.09 24.99
N LEU B 220 5.32 7.97 23.80
CA LEU B 220 5.51 6.60 23.30
C LEU B 220 6.48 5.81 24.14
N LEU B 221 7.55 6.42 24.65
CA LEU B 221 8.45 5.69 25.62
C LEU B 221 7.69 5.19 26.79
N ARG B 222 6.84 6.03 27.39
CA ARG B 222 6.13 5.66 28.56
C ARG B 222 5.08 4.64 28.20
N ASP B 223 4.42 4.73 27.06
CA ASP B 223 3.48 3.67 26.67
C ASP B 223 4.11 2.25 26.59
N ASN B 224 5.33 2.24 26.13
CA ASN B 224 6.08 0.96 26.14
C ASN B 224 6.46 0.51 27.56
N LEU B 225 6.93 1.42 28.41
CA LEU B 225 7.25 1.00 29.77
C LEU B 225 6.01 0.41 30.39
N THR B 226 4.88 1.03 30.16
CA THR B 226 3.66 0.57 30.79
C THR B 226 3.34 -0.82 30.31
N LEU B 227 3.45 -1.00 29.01
CA LEU B 227 3.20 -2.33 28.40
C LEU B 227 4.14 -3.43 28.91
N TRP B 228 5.40 -3.08 29.00
CA TRP B 228 6.48 -4.04 29.26
C TRP B 228 6.60 -4.38 30.75
N THR B 229 5.98 -3.57 31.62
CA THR B 229 6.01 -3.84 33.07
C THR B 229 4.68 -4.40 33.48
N SER B 230 3.79 -4.61 32.54
CA SER B 230 2.52 -5.22 32.85
C SER B 230 2.60 -6.74 32.86
N GLY C 1 -24.02 -12.84 5.38
CA GLY C 1 -24.70 -11.99 4.31
C GLY C 1 -23.77 -11.34 3.29
N HIS C 2 -22.46 -11.60 3.41
CA HIS C 2 -21.48 -11.11 2.41
C HIS C 2 -20.94 -12.28 1.52
N GLY C 3 -20.98 -12.14 0.20
CA GLY C 3 -20.33 -13.09 -0.68
C GLY C 3 -18.87 -12.83 -0.73
N GLN C 4 -18.09 -13.91 -0.70
CA GLN C 4 -16.69 -13.79 -0.34
C GLN C 4 -15.91 -13.00 -1.42
N GLY C 5 -15.50 -11.84 -1.03
CA GLY C 5 -14.71 -11.07 -1.92
C GLY C 5 -15.61 -10.37 -2.91
N LEU C 6 -16.92 -10.60 -2.95
CA LEU C 6 -17.70 -10.07 -4.12
C LEU C 6 -17.76 -8.51 -4.14
N LEU C 7 -18.06 -7.90 -2.98
CA LEU C 7 -18.19 -6.40 -2.97
CA LEU C 7 -18.17 -6.47 -2.86
C LEU C 7 -16.87 -5.81 -3.37
N ASP C 8 -15.74 -6.31 -2.84
CA ASP C 8 -14.44 -5.80 -3.21
C ASP C 8 -14.21 -6.03 -4.72
N ALA C 9 -14.55 -7.26 -5.23
CA ALA C 9 -14.36 -7.53 -6.66
C ALA C 9 -15.21 -6.63 -7.57
N LEU C 10 -16.35 -6.11 -7.10
CA LEU C 10 -17.21 -5.27 -7.93
C LEU C 10 -16.59 -3.85 -8.04
N ASP C 11 -15.44 -3.50 -7.41
CA ASP C 11 -14.72 -2.24 -7.73
C ASP C 11 -15.75 -1.09 -7.77
N LEU C 12 -16.46 -0.93 -6.64
CA LEU C 12 -17.58 -0.01 -6.57
C LEU C 12 -17.12 1.41 -6.68
N ALA C 13 -17.83 2.21 -7.42
CA ALA C 13 -17.48 3.62 -7.67
C ALA C 13 -18.18 4.48 -6.60
N SER C 14 -17.42 5.06 -5.71
CA SER C 14 -17.84 6.33 -4.94
C SER C 14 -17.72 6.21 -3.40
N GLY D 5 9.15 17.36 8.56
CA GLY D 5 8.60 15.94 8.74
C GLY D 5 9.54 15.01 9.53
N LEU D 6 10.23 15.57 10.54
CA LEU D 6 11.18 14.82 11.37
C LEU D 6 10.59 13.57 12.05
N LEU D 7 9.36 13.63 12.64
CA LEU D 7 8.88 12.46 13.38
C LEU D 7 8.66 11.29 12.43
N ASP D 8 8.16 11.58 11.24
CA ASP D 8 7.98 10.53 10.18
C ASP D 8 9.34 10.01 9.76
N ALA D 9 10.32 10.87 9.53
CA ALA D 9 11.65 10.45 9.11
C ALA D 9 12.38 9.60 10.14
N LEU D 10 12.04 9.83 11.41
CA LEU D 10 12.59 9.01 12.54
C LEU D 10 12.20 7.53 12.52
N ASP D 11 11.17 7.14 11.71
CA ASP D 11 10.88 5.73 11.57
C ASP D 11 10.67 5.09 12.95
N LEU D 12 9.84 5.74 13.73
CA LEU D 12 9.74 5.37 15.12
C LEU D 12 9.14 3.96 15.19
N ALA D 13 9.68 3.16 16.09
CA ALA D 13 9.21 1.79 16.26
C ALA D 13 7.90 1.81 17.04
N SER D 14 6.79 1.65 16.38
CA SER D 14 5.43 1.92 16.99
C SER D 14 5.16 3.21 17.85
#